data_6SYV
#
_entry.id   6SYV
#
_cell.length_a   43.507
_cell.length_b   44.497
_cell.length_c   50.367
_cell.angle_alpha   76.433
_cell.angle_beta   66.963
_cell.angle_gamma   70.218
#
_symmetry.space_group_name_H-M   'P 1'
#
loop_
_entity.id
_entity.type
_entity.pdbx_description
1 polymer 'glucuronoyl esterase OtCE15A'
2 non-polymer 'MAGNESIUM ION'
3 non-polymer 1,2-ETHANEDIOL
4 non-polymer 'alpha-D-glucopyranuronic acid'
5 non-polymer 'beta-D-glucopyranuronic acid'
6 non-polymer DI(HYDROXYETHYL)ETHER
7 water water
#
_entity_poly.entity_id   1
_entity_poly.type   'polypeptide(L)'
_entity_poly.pdbx_seq_one_letter_code
;MGSSHHHHHHSSENLYFQGHSAYTLPDPLVGADGTRVHDRATWQHRRRPELLQLFAREVYGRTPLGRPEGMVFKVTTMEH
AALGGAATRKEVTVRFGRDPNAPSMQLLLYVPNAVIARAERAPVFLGLNFYGNHTVHTDPAIALSARWIPAEAPNGANHR
ATEAARGSDAQKWPVEQILARGYAVATVYCGDLCPDRPDGLNASVASWLDAAAGDQRAPDAWGAIGVWAWGLSRALDYLE
TDPLVDASRVAVHGHARLGKAALWAGAQDDRFALVISNESGCGGAALSKRIHGETVARINTVFPHWFARNFRRYDDHEEA
LPVDQHELLALVAPRPLYVASAEDDDWADPRGEFLAVKAAEPVFRLFGQTGPSGEDVPRVNEPSGGALRYHIRPGPHGMT
AQDWAFYLAFADEWLKSALPA
;
_entity_poly.pdbx_strand_id   A
#
# COMPACT_ATOMS: atom_id res chain seq x y z
N HIS A 20 -1.19 27.61 -10.74
CA HIS A 20 -1.36 26.43 -11.57
C HIS A 20 -0.14 25.53 -11.51
N SER A 21 1.04 26.12 -11.73
CA SER A 21 2.32 25.43 -11.61
C SER A 21 3.24 26.19 -10.68
N ALA A 22 2.78 26.44 -9.45
CA ALA A 22 3.50 27.33 -8.53
C ALA A 22 4.42 26.59 -7.58
N TYR A 23 5.26 25.71 -8.12
CA TYR A 23 6.16 24.92 -7.29
C TYR A 23 7.31 24.45 -8.17
N THR A 24 8.35 23.95 -7.52
CA THR A 24 9.48 23.35 -8.24
C THR A 24 9.91 22.09 -7.51
N LEU A 25 10.03 20.99 -8.25
CA LEU A 25 10.29 19.72 -7.58
C LEU A 25 11.78 19.45 -7.47
N PRO A 26 12.20 18.81 -6.37
CA PRO A 26 13.57 18.28 -6.30
C PRO A 26 13.75 17.19 -7.34
N ASP A 27 14.94 17.12 -7.92
CA ASP A 27 15.24 16.12 -8.94
C ASP A 27 15.61 14.79 -8.28
N PRO A 28 14.87 13.70 -8.54
CA PRO A 28 15.26 12.42 -7.94
C PRO A 28 16.68 12.00 -8.28
N LEU A 29 17.17 12.40 -9.46
CA LEU A 29 18.49 12.00 -9.95
C LEU A 29 19.58 13.02 -9.63
N VAL A 30 19.33 13.91 -8.67
CA VAL A 30 20.39 14.73 -8.12
C VAL A 30 20.52 14.36 -6.64
N GLY A 31 21.70 13.89 -6.26
CA GLY A 31 21.95 13.54 -4.88
C GLY A 31 21.83 14.73 -3.94
N ALA A 32 21.73 14.39 -2.65
CA ALA A 32 21.62 15.43 -1.63
C ALA A 32 22.80 16.39 -1.65
N ASP A 33 23.98 15.93 -2.09
CA ASP A 33 25.17 16.77 -2.21
C ASP A 33 25.30 17.43 -3.58
N GLY A 34 24.30 17.29 -4.43
CA GLY A 34 24.32 17.95 -5.72
C GLY A 34 24.85 17.10 -6.86
N THR A 35 25.43 15.94 -6.58
CA THR A 35 25.99 15.11 -7.64
C THR A 35 24.89 14.34 -8.38
N ARG A 36 24.96 14.35 -9.71
CA ARG A 36 23.96 13.67 -10.50
C ARG A 36 24.11 12.17 -10.43
N VAL A 37 22.98 11.46 -10.42
CA VAL A 37 22.96 10.01 -10.43
C VAL A 37 22.88 9.57 -11.88
N HIS A 38 23.92 8.86 -12.35
CA HIS A 38 24.05 8.49 -13.76
C HIS A 38 23.84 7.01 -14.01
N ASP A 39 23.73 6.18 -12.99
CA ASP A 39 23.76 4.75 -13.18
C ASP A 39 22.93 4.05 -12.11
N ARG A 40 22.52 2.83 -12.44
CA ARG A 40 21.61 2.09 -11.60
C ARG A 40 22.23 1.74 -10.26
N ALA A 41 23.56 1.54 -10.21
CA ALA A 41 24.19 1.16 -8.96
C ALA A 41 24.22 2.32 -7.97
N THR A 42 24.51 3.52 -8.47
CA THR A 42 24.46 4.69 -7.60
C THR A 42 23.04 4.92 -7.11
N TRP A 43 22.04 4.77 -7.99
CA TRP A 43 20.66 4.85 -7.53
C TRP A 43 20.39 3.84 -6.41
N GLN A 44 20.72 2.57 -6.64
N GLN A 44 20.71 2.58 -6.63
CA GLN A 44 20.27 1.55 -5.70
CA GLN A 44 20.29 1.55 -5.70
C GLN A 44 21.02 1.61 -4.38
C GLN A 44 21.01 1.69 -4.37
N HIS A 45 22.30 1.98 -4.40
CA HIS A 45 23.12 1.89 -3.21
C HIS A 45 23.37 3.21 -2.52
N ARG A 46 23.08 4.34 -3.17
N ARG A 46 23.15 4.34 -3.18
CA ARG A 46 23.32 5.64 -2.56
CA ARG A 46 23.27 5.61 -2.49
C ARG A 46 22.06 6.51 -2.53
C ARG A 46 21.98 6.42 -2.51
N ARG A 47 21.45 6.74 -3.69
CA ARG A 47 20.29 7.63 -3.73
C ARG A 47 19.05 7.01 -3.07
N ARG A 48 18.79 5.72 -3.28
N ARG A 48 18.78 5.73 -3.30
CA ARG A 48 17.63 5.09 -2.67
CA ARG A 48 17.62 5.13 -2.65
C ARG A 48 17.67 5.17 -1.15
C ARG A 48 17.69 5.26 -1.14
N PRO A 49 18.78 4.83 -0.49
CA PRO A 49 18.86 5.01 0.97
C PRO A 49 18.66 6.44 1.39
N GLU A 50 19.21 7.41 0.64
CA GLU A 50 19.00 8.82 0.97
C GLU A 50 17.52 9.15 0.99
N LEU A 51 16.82 8.77 -0.06
CA LEU A 51 15.41 9.11 -0.17
C LEU A 51 14.57 8.38 0.86
N LEU A 52 14.87 7.11 1.11
CA LEU A 52 14.13 6.36 2.13
C LEU A 52 14.25 7.03 3.50
N GLN A 53 15.45 7.52 3.83
CA GLN A 53 15.66 8.21 5.09
C GLN A 53 14.92 9.53 5.14
N LEU A 54 14.86 10.26 4.02
CA LEU A 54 14.10 11.50 3.98
C LEU A 54 12.61 11.25 4.18
N PHE A 55 12.05 10.23 3.52
CA PHE A 55 10.64 9.97 3.75
C PHE A 55 10.36 9.45 5.16
N ALA A 56 11.29 8.67 5.71
CA ALA A 56 11.10 8.18 7.07
C ALA A 56 11.14 9.32 8.07
N ARG A 57 12.10 10.23 7.91
CA ARG A 57 12.27 11.26 8.91
C ARG A 57 11.18 12.33 8.80
N GLU A 58 10.83 12.71 7.58
CA GLU A 58 10.08 13.92 7.32
C GLU A 58 8.61 13.69 7.03
N VAL A 59 8.21 12.47 6.64
CA VAL A 59 6.85 12.23 6.15
C VAL A 59 6.20 11.12 6.96
N TYR A 60 6.64 9.88 6.80
CA TYR A 60 5.92 8.75 7.39
C TYR A 60 6.33 8.44 8.81
N GLY A 61 7.53 8.82 9.19
CA GLY A 61 8.14 8.33 10.40
C GLY A 61 8.97 7.08 10.16
N ARG A 62 9.86 6.81 11.11
N ARG A 62 9.88 6.81 11.10
CA ARG A 62 10.79 5.69 11.00
CA ARG A 62 10.82 5.72 10.92
C ARG A 62 10.07 4.35 11.18
C ARG A 62 10.18 4.37 11.22
N THR A 63 10.38 3.41 10.32
CA THR A 63 9.96 2.06 10.57
C THR A 63 11.02 1.51 11.51
N PRO A 64 10.70 1.17 12.75
CA PRO A 64 11.77 0.92 13.72
C PRO A 64 12.44 -0.44 13.55
N LEU A 65 11.76 -1.40 12.95
CA LEU A 65 12.36 -2.69 12.64
C LEU A 65 11.50 -3.30 11.55
N GLY A 66 12.06 -4.28 10.87
CA GLY A 66 11.33 -5.07 9.88
C GLY A 66 10.66 -6.25 10.53
N ARG A 67 11.04 -7.44 10.14
CA ARG A 67 10.47 -8.64 10.72
C ARG A 67 10.86 -8.74 12.19
N PRO A 68 9.90 -8.79 13.11
CA PRO A 68 10.25 -9.01 14.53
C PRO A 68 10.68 -10.46 14.76
N GLU A 69 11.57 -10.67 15.73
CA GLU A 69 11.91 -12.03 16.04
C GLU A 69 10.67 -12.72 16.62
N GLY A 70 10.56 -14.01 16.38
CA GLY A 70 9.47 -14.70 17.04
C GLY A 70 8.12 -14.50 16.40
N MET A 71 8.08 -14.10 15.13
CA MET A 71 6.82 -14.12 14.43
CA MET A 71 6.82 -14.12 14.43
C MET A 71 6.32 -15.57 14.35
N VAL A 72 5.04 -15.74 14.60
CA VAL A 72 4.41 -17.06 14.59
C VAL A 72 3.23 -17.02 13.64
N PHE A 73 3.10 -18.06 12.81
CA PHE A 73 2.02 -18.16 11.85
C PHE A 73 1.13 -19.33 12.23
N LYS A 74 -0.16 -19.08 12.43
CA LYS A 74 -1.11 -20.12 12.82
C LYS A 74 -2.24 -20.13 11.79
N VAL A 75 -2.39 -21.22 11.05
CA VAL A 75 -3.54 -21.38 10.16
C VAL A 75 -4.72 -21.80 11.01
N THR A 76 -5.73 -20.93 11.13
CA THR A 76 -6.88 -21.17 11.98
C THR A 76 -8.02 -21.87 11.25
N THR A 77 -8.17 -21.65 9.95
CA THR A 77 -9.19 -22.35 9.18
C THR A 77 -8.65 -22.60 7.79
N MET A 78 -9.13 -23.67 7.17
CA MET A 78 -8.68 -24.03 5.83
C MET A 78 -9.84 -24.73 5.14
N GLU A 79 -10.27 -24.21 4.00
CA GLU A 79 -11.40 -24.77 3.26
C GLU A 79 -10.95 -24.98 1.81
N HIS A 80 -10.96 -26.23 1.34
CA HIS A 80 -10.47 -26.52 0.00
C HIS A 80 -11.53 -26.34 -1.09
N ALA A 81 -12.77 -26.11 -0.72
CA ALA A 81 -13.86 -25.98 -1.68
C ALA A 81 -14.66 -24.73 -1.44
N ALA A 82 -14.00 -23.63 -1.12
CA ALA A 82 -14.69 -22.36 -0.96
C ALA A 82 -15.18 -21.81 -2.30
N LEU A 83 -16.14 -20.89 -2.20
CA LEU A 83 -16.72 -20.23 -3.35
C LEU A 83 -17.19 -21.24 -4.38
N GLY A 84 -17.99 -22.20 -3.92
CA GLY A 84 -18.52 -23.21 -4.83
C GLY A 84 -17.49 -24.10 -5.46
N GLY A 85 -16.31 -24.24 -4.85
CA GLY A 85 -15.24 -25.05 -5.36
C GLY A 85 -14.16 -24.28 -6.08
N ALA A 86 -14.36 -22.97 -6.27
CA ALA A 86 -13.41 -22.20 -7.06
C ALA A 86 -12.13 -21.92 -6.29
N ALA A 87 -12.16 -21.94 -4.96
CA ALA A 87 -11.00 -21.51 -4.22
C ALA A 87 -10.74 -22.36 -3.00
N THR A 88 -9.47 -22.36 -2.60
CA THR A 88 -9.05 -22.72 -1.25
C THR A 88 -8.97 -21.44 -0.44
N ARG A 89 -9.63 -21.43 0.71
CA ARG A 89 -9.67 -20.27 1.58
C ARG A 89 -8.93 -20.63 2.86
N LYS A 90 -7.93 -19.85 3.22
CA LYS A 90 -7.20 -20.05 4.44
C LYS A 90 -7.32 -18.78 5.28
N GLU A 91 -7.48 -18.93 6.59
CA GLU A 91 -7.33 -17.81 7.52
C GLU A 91 -6.12 -18.10 8.40
N VAL A 92 -5.25 -17.10 8.52
CA VAL A 92 -3.98 -17.25 9.22
C VAL A 92 -3.84 -16.12 10.23
N THR A 93 -3.53 -16.47 11.47
CA THR A 93 -3.14 -15.47 12.45
C THR A 93 -1.63 -15.32 12.37
N VAL A 94 -1.17 -14.10 12.13
CA VAL A 94 0.24 -13.76 12.09
C VAL A 94 0.51 -13.03 13.39
N ARG A 95 1.17 -13.71 14.34
CA ARG A 95 1.40 -13.16 15.66
C ARG A 95 2.82 -12.64 15.70
N PHE A 96 3.00 -11.44 16.23
CA PHE A 96 4.27 -10.74 16.08
C PHE A 96 5.30 -11.05 17.15
N GLY A 97 5.05 -12.05 17.98
CA GLY A 97 5.96 -12.50 19.02
C GLY A 97 5.49 -13.88 19.43
N ARG A 98 6.37 -14.59 20.13
CA ARG A 98 6.07 -15.98 20.47
C ARG A 98 5.04 -16.07 21.58
N ASP A 99 5.03 -15.15 22.51
CA ASP A 99 4.06 -15.22 23.58
C ASP A 99 2.64 -15.19 23.02
N PRO A 100 1.76 -16.09 23.44
CA PRO A 100 0.38 -16.09 22.92
C PRO A 100 -0.35 -14.79 23.13
N ASN A 101 0.16 -13.91 24.00
CA ASN A 101 -0.49 -12.62 24.23
C ASN A 101 0.00 -11.55 23.25
N ALA A 102 0.94 -11.88 22.39
CA ALA A 102 1.55 -10.84 21.59
C ALA A 102 0.54 -10.32 20.57
N PRO A 103 0.72 -9.10 20.07
CA PRO A 103 -0.23 -8.61 19.08
C PRO A 103 -0.17 -9.43 17.80
N SER A 104 -1.28 -9.41 17.06
CA SER A 104 -1.35 -10.18 15.82
C SER A 104 -2.25 -9.52 14.80
N MET A 105 -2.25 -10.08 13.59
CA MET A 105 -3.16 -9.69 12.53
C MET A 105 -3.74 -10.95 11.91
N GLN A 106 -4.93 -10.81 11.35
CA GLN A 106 -5.66 -11.93 10.76
C GLN A 106 -5.66 -11.80 9.25
N LEU A 107 -4.98 -12.70 8.57
CA LEU A 107 -4.85 -12.69 7.12
C LEU A 107 -5.87 -13.64 6.51
N LEU A 108 -6.59 -13.17 5.49
CA LEU A 108 -7.50 -14.00 4.71
C LEU A 108 -6.90 -14.19 3.33
N LEU A 109 -6.88 -15.44 2.87
CA LEU A 109 -6.25 -15.80 1.61
C LEU A 109 -7.20 -16.71 0.85
N TYR A 110 -7.56 -16.29 -0.36
CA TYR A 110 -8.22 -17.16 -1.31
C TYR A 110 -7.22 -17.49 -2.42
N VAL A 111 -7.09 -18.74 -2.74
CA VAL A 111 -6.16 -19.24 -3.77
C VAL A 111 -6.99 -19.95 -4.82
N PRO A 112 -6.79 -19.68 -6.10
CA PRO A 112 -7.62 -20.34 -7.14
C PRO A 112 -7.31 -21.82 -7.21
N ASN A 113 -8.35 -22.66 -7.10
CA ASN A 113 -8.15 -24.11 -7.11
C ASN A 113 -7.66 -24.62 -8.45
N ALA A 114 -7.97 -23.91 -9.53
CA ALA A 114 -7.45 -24.33 -10.83
C ALA A 114 -5.93 -24.30 -10.86
N VAL A 115 -5.32 -23.36 -10.15
CA VAL A 115 -3.87 -23.25 -10.14
C VAL A 115 -3.27 -24.30 -9.21
N ILE A 116 -3.87 -24.45 -8.02
CA ILE A 116 -3.44 -25.45 -7.04
C ILE A 116 -3.51 -26.84 -7.67
N ALA A 117 -4.61 -27.13 -8.35
CA ALA A 117 -4.81 -28.46 -8.93
C ALA A 117 -3.71 -28.80 -9.93
N ARG A 118 -3.20 -27.80 -10.64
CA ARG A 118 -2.11 -28.01 -11.58
C ARG A 118 -0.77 -28.13 -10.88
N ALA A 119 -0.75 -28.07 -9.55
CA ALA A 119 0.48 -28.10 -8.78
C ALA A 119 1.41 -26.96 -9.18
N GLU A 120 0.87 -25.76 -9.26
CA GLU A 120 1.63 -24.55 -9.51
C GLU A 120 1.34 -23.59 -8.37
N ARG A 121 2.34 -22.81 -8.02
CA ARG A 121 2.16 -21.75 -7.04
C ARG A 121 1.53 -20.52 -7.68
N ALA A 122 0.57 -19.95 -7.00
CA ALA A 122 -0.16 -18.82 -7.57
C ALA A 122 0.49 -17.49 -7.21
N PRO A 123 0.53 -16.54 -8.15
CA PRO A 123 0.87 -15.15 -7.82
C PRO A 123 -0.26 -14.57 -6.98
N VAL A 124 0.02 -13.44 -6.32
CA VAL A 124 -0.86 -12.96 -5.26
C VAL A 124 -1.08 -11.47 -5.42
N PHE A 125 -2.33 -11.03 -5.26
CA PHE A 125 -2.63 -9.64 -4.96
C PHE A 125 -2.83 -9.54 -3.45
N LEU A 126 -2.10 -8.63 -2.79
CA LEU A 126 -2.16 -8.40 -1.34
C LEU A 126 -2.52 -6.94 -1.08
N GLY A 127 -3.56 -6.70 -0.27
CA GLY A 127 -3.89 -5.33 0.12
C GLY A 127 -4.67 -5.33 1.41
N LEU A 128 -4.58 -4.22 2.13
CA LEU A 128 -5.35 -4.03 3.34
C LEU A 128 -6.79 -3.66 2.99
N ASN A 129 -7.71 -3.99 3.88
CA ASN A 129 -9.10 -3.59 3.73
C ASN A 129 -9.51 -2.62 4.82
N PHE A 130 -10.59 -1.88 4.53
CA PHE A 130 -11.00 -0.76 5.37
C PHE A 130 -11.78 -1.19 6.59
N TYR A 131 -12.62 -2.22 6.49
CA TYR A 131 -13.65 -2.46 7.49
C TYR A 131 -13.70 -3.89 8.01
N GLY A 132 -12.78 -4.76 7.58
CA GLY A 132 -12.68 -6.09 8.16
C GLY A 132 -12.68 -7.12 7.06
N ASN A 133 -12.02 -8.25 7.32
CA ASN A 133 -11.92 -9.26 6.28
C ASN A 133 -13.30 -9.71 5.83
N HIS A 134 -14.25 -9.74 6.75
CA HIS A 134 -15.59 -10.23 6.42
C HIS A 134 -16.34 -9.29 5.48
N THR A 135 -15.83 -8.09 5.25
CA THR A 135 -16.47 -7.17 4.33
C THR A 135 -16.04 -7.35 2.88
N VAL A 136 -14.97 -8.11 2.60
CA VAL A 136 -14.47 -8.17 1.23
C VAL A 136 -15.29 -9.13 0.36
N HIS A 137 -16.01 -10.07 0.98
CA HIS A 137 -16.83 -11.06 0.29
C HIS A 137 -17.97 -11.46 1.22
N THR A 138 -19.12 -11.83 0.63
CA THR A 138 -20.26 -12.27 1.41
C THR A 138 -19.99 -13.56 2.17
N ASP A 139 -19.08 -14.39 1.67
CA ASP A 139 -18.75 -15.69 2.22
C ASP A 139 -18.98 -15.77 3.73
N PRO A 140 -19.99 -16.53 4.17
CA PRO A 140 -20.35 -16.52 5.59
C PRO A 140 -19.34 -17.22 6.47
N ALA A 141 -18.36 -17.91 5.88
CA ALA A 141 -17.38 -18.62 6.69
C ALA A 141 -16.21 -17.75 7.11
N ILE A 142 -16.05 -16.55 6.54
CA ILE A 142 -14.96 -15.67 6.97
C ILE A 142 -15.23 -15.27 8.41
N ALA A 143 -14.18 -15.29 9.25
CA ALA A 143 -14.36 -14.88 10.63
C ALA A 143 -14.77 -13.42 10.70
N LEU A 144 -15.79 -13.11 11.49
CA LEU A 144 -16.12 -11.72 11.74
C LEU A 144 -15.04 -11.09 12.60
N SER A 145 -14.52 -9.95 12.18
CA SER A 145 -13.52 -9.27 13.00
C SER A 145 -14.10 -8.98 14.38
N ALA A 146 -13.30 -9.23 15.41
CA ALA A 146 -13.61 -8.84 16.79
C ALA A 146 -13.01 -7.49 17.15
N ARG A 147 -12.38 -6.81 16.20
CA ARG A 147 -11.66 -5.59 16.51
C ARG A 147 -12.56 -4.38 16.33
N TRP A 148 -12.12 -3.26 16.85
CA TRP A 148 -12.85 -2.02 16.64
C TRP A 148 -12.96 -1.72 15.15
N ILE A 149 -14.14 -1.25 14.74
CA ILE A 149 -14.42 -0.84 13.37
CA ILE A 149 -14.41 -0.84 13.37
C ILE A 149 -14.96 0.58 13.37
N PRO A 150 -14.62 1.41 12.39
CA PRO A 150 -15.07 2.80 12.44
C PRO A 150 -16.57 2.91 12.24
N ALA A 151 -17.09 4.04 12.73
CA ALA A 151 -18.51 4.36 12.58
C ALA A 151 -18.93 4.40 11.11
N GLU A 152 -18.00 4.75 10.21
CA GLU A 152 -18.33 4.83 8.79
C GLU A 152 -18.49 3.47 8.13
N ALA A 153 -18.12 2.39 8.80
CA ALA A 153 -18.25 1.06 8.21
C ALA A 153 -19.72 0.72 8.00
N PRO A 154 -20.12 0.28 6.82
CA PRO A 154 -21.51 -0.11 6.63
C PRO A 154 -21.95 -1.17 7.63
N ASN A 155 -23.20 -1.03 8.10
CA ASN A 155 -23.87 -2.07 8.89
C ASN A 155 -23.08 -2.46 10.14
N GLY A 156 -22.26 -1.53 10.63
CA GLY A 156 -21.65 -1.72 11.93
C GLY A 156 -22.60 -1.41 13.06
N ALA A 157 -22.26 -1.92 14.25
CA ALA A 157 -23.07 -1.69 15.44
C ALA A 157 -22.12 -1.42 16.59
N ASN A 158 -22.20 -0.21 17.15
CA ASN A 158 -21.34 0.24 18.22
C ASN A 158 -19.90 -0.19 17.99
N HIS A 159 -19.40 0.11 16.79
CA HIS A 159 -18.00 -0.09 16.44
C HIS A 159 -17.58 -1.55 16.44
N ARG A 160 -18.52 -2.47 16.26
CA ARG A 160 -18.18 -3.87 16.13
C ARG A 160 -18.85 -4.45 14.89
N ALA A 161 -18.21 -5.45 14.33
CA ALA A 161 -18.73 -6.10 13.14
C ALA A 161 -20.01 -6.84 13.48
N THR A 162 -20.92 -6.86 12.51
CA THR A 162 -22.16 -7.61 12.58
C THR A 162 -22.23 -8.51 11.36
N GLU A 163 -23.06 -9.56 11.45
CA GLU A 163 -23.28 -10.39 10.26
C GLU A 163 -23.82 -9.56 9.09
N ALA A 164 -24.52 -8.46 9.37
CA ALA A 164 -25.03 -7.63 8.29
C ALA A 164 -23.91 -6.96 7.49
N ALA A 165 -22.71 -6.88 8.05
CA ALA A 165 -21.58 -6.23 7.39
C ALA A 165 -20.88 -7.16 6.40
N ARG A 166 -21.28 -8.43 6.34
CA ARG A 166 -20.59 -9.33 5.42
C ARG A 166 -20.76 -8.87 3.98
N GLY A 167 -19.67 -8.85 3.24
CA GLY A 167 -19.67 -8.41 1.87
C GLY A 167 -19.96 -6.95 1.68
N SER A 168 -19.95 -6.15 2.74
CA SER A 168 -20.35 -4.75 2.60
C SER A 168 -19.36 -3.90 1.82
N ASP A 169 -18.14 -4.39 1.54
CA ASP A 169 -17.14 -3.68 0.74
C ASP A 169 -16.72 -4.51 -0.46
N ALA A 170 -17.62 -5.38 -0.93
CA ALA A 170 -17.22 -6.35 -1.95
C ALA A 170 -16.98 -5.70 -3.32
N GLN A 171 -17.55 -4.52 -3.59
CA GLN A 171 -17.32 -3.93 -4.90
C GLN A 171 -15.84 -3.61 -5.11
N LYS A 172 -15.12 -3.32 -4.04
CA LYS A 172 -13.71 -3.02 -4.15
C LYS A 172 -12.87 -4.29 -4.30
N TRP A 173 -13.50 -5.45 -4.20
CA TRP A 173 -12.79 -6.72 -4.12
C TRP A 173 -13.43 -7.75 -5.06
N PRO A 174 -13.11 -7.71 -6.35
CA PRO A 174 -13.72 -8.69 -7.29
C PRO A 174 -13.00 -10.03 -7.23
N VAL A 175 -13.21 -10.73 -6.10
CA VAL A 175 -12.43 -11.92 -5.75
C VAL A 175 -12.55 -12.97 -6.84
N GLU A 176 -13.78 -13.25 -7.27
CA GLU A 176 -14.00 -14.33 -8.22
C GLU A 176 -13.30 -14.07 -9.55
N GLN A 177 -13.33 -12.81 -10.00
CA GLN A 177 -12.60 -12.47 -11.22
C GLN A 177 -11.09 -12.58 -11.07
N ILE A 178 -10.54 -12.09 -9.95
CA ILE A 178 -9.09 -12.18 -9.73
C ILE A 178 -8.65 -13.64 -9.73
N LEU A 179 -9.42 -14.49 -9.04
CA LEU A 179 -9.13 -15.92 -8.98
C LEU A 179 -9.23 -16.55 -10.36
N ALA A 180 -10.28 -16.20 -11.12
CA ALA A 180 -10.46 -16.76 -12.47
C ALA A 180 -9.29 -16.41 -13.36
N ARG A 181 -8.65 -15.26 -13.11
CA ARG A 181 -7.49 -14.82 -13.86
C ARG A 181 -6.18 -15.42 -13.35
N GLY A 182 -6.22 -16.25 -12.32
CA GLY A 182 -5.06 -17.01 -11.90
C GLY A 182 -4.31 -16.46 -10.71
N TYR A 183 -4.88 -15.51 -10.00
CA TYR A 183 -4.23 -14.85 -8.88
C TYR A 183 -4.94 -15.19 -7.57
N ALA A 184 -4.14 -15.37 -6.54
CA ALA A 184 -4.66 -15.42 -5.19
C ALA A 184 -4.95 -14.01 -4.70
N VAL A 185 -5.79 -13.93 -3.68
CA VAL A 185 -6.20 -12.69 -3.05
C VAL A 185 -5.90 -12.83 -1.57
N ALA A 186 -5.06 -11.94 -1.04
CA ALA A 186 -4.75 -11.92 0.38
C ALA A 186 -5.13 -10.55 0.92
N THR A 187 -5.67 -10.53 2.13
CA THR A 187 -6.04 -9.26 2.73
C THR A 187 -5.95 -9.37 4.24
N VAL A 188 -5.82 -8.20 4.86
CA VAL A 188 -5.82 -8.03 6.30
C VAL A 188 -6.55 -6.71 6.58
N TYR A 189 -7.33 -6.67 7.64
CA TYR A 189 -8.01 -5.44 8.08
C TYR A 189 -6.97 -4.45 8.60
N CYS A 190 -6.97 -3.22 8.10
CA CYS A 190 -5.96 -2.25 8.53
C CYS A 190 -6.00 -2.02 10.03
N GLY A 191 -7.19 -2.11 10.63
CA GLY A 191 -7.40 -1.88 12.04
C GLY A 191 -6.81 -2.94 12.92
N ASP A 192 -6.37 -4.06 12.33
CA ASP A 192 -5.64 -5.03 13.13
C ASP A 192 -4.28 -4.47 13.50
N LEU A 193 -3.75 -3.55 12.69
CA LEU A 193 -2.41 -3.01 12.83
C LEU A 193 -2.42 -1.64 13.49
N CYS A 194 -3.27 -0.75 13.03
CA CYS A 194 -3.55 0.49 13.72
C CYS A 194 -5.00 0.82 13.45
N PRO A 195 -5.88 0.82 14.46
CA PRO A 195 -7.27 1.29 14.27
C PRO A 195 -7.27 2.68 13.69
N ASP A 196 -8.13 2.92 12.72
CA ASP A 196 -8.09 4.19 12.00
C ASP A 196 -8.95 5.22 12.73
N ARG A 197 -8.40 5.75 13.80
CA ARG A 197 -9.04 6.78 14.60
C ARG A 197 -7.88 7.56 15.21
N PRO A 198 -8.04 8.85 15.48
CA PRO A 198 -6.89 9.64 15.93
C PRO A 198 -6.19 9.09 17.18
N ASP A 199 -6.88 8.30 17.99
CA ASP A 199 -6.29 7.67 19.17
C ASP A 199 -5.80 6.24 18.90
N GLY A 200 -5.79 5.80 17.64
CA GLY A 200 -5.51 4.41 17.33
C GLY A 200 -4.08 3.97 17.59
N LEU A 201 -3.13 4.89 17.56
CA LEU A 201 -1.74 4.48 17.75
C LEU A 201 -1.51 3.87 19.13
N ASN A 202 -2.27 4.28 20.12
CA ASN A 202 -2.06 3.73 21.46
C ASN A 202 -2.58 2.31 21.59
N ALA A 203 -3.43 1.86 20.67
CA ALA A 203 -3.91 0.49 20.62
C ALA A 203 -3.33 -0.25 19.42
N SER A 204 -2.18 0.20 18.92
CA SER A 204 -1.57 -0.31 17.71
C SER A 204 -0.32 -1.13 18.02
N VAL A 205 0.18 -1.82 16.99
CA VAL A 205 1.46 -2.49 17.08
C VAL A 205 2.61 -1.52 17.35
N ALA A 206 2.44 -0.23 17.03
CA ALA A 206 3.47 0.75 17.40
C ALA A 206 3.60 0.89 18.90
N SER A 207 2.50 0.73 19.63
CA SER A 207 2.55 0.86 21.08
C SER A 207 3.42 -0.22 21.72
N TRP A 208 3.54 -1.36 21.04
N TRP A 208 3.28 -1.47 21.33
CA TRP A 208 4.31 -2.54 21.39
CA TRP A 208 4.02 -2.45 22.12
C TRP A 208 5.71 -2.54 20.78
C TRP A 208 5.44 -2.64 21.65
N LEU A 209 5.92 -1.97 19.60
N LEU A 209 5.74 -2.28 20.42
CA LEU A 209 7.16 -2.16 18.86
CA LEU A 209 7.12 -2.29 19.98
C LEU A 209 8.15 -1.02 19.13
C LEU A 209 7.94 -1.23 20.70
N ASP A 210 9.31 -1.37 19.69
N ASP A 210 7.29 -0.18 21.17
CA ASP A 210 10.42 -0.43 19.93
CA ASP A 210 8.01 0.98 21.71
C ASP A 210 9.96 0.88 20.54
C ASP A 210 8.39 0.70 23.16
N ALA A 211 8.95 0.85 21.39
N ALA A 211 9.64 0.28 23.37
CA ALA A 211 8.52 2.06 22.07
CA ALA A 211 10.17 0.17 24.71
C ALA A 211 9.22 2.19 23.41
C ALA A 211 10.26 1.51 25.42
N ALA A 212 9.39 3.43 23.85
N ALA A 212 10.14 2.62 24.70
CA ALA A 212 9.87 3.72 25.20
CA ALA A 212 10.12 3.94 25.32
C ALA A 212 8.66 3.81 26.13
C ALA A 212 8.80 4.11 26.07
N ALA A 213 8.88 4.25 27.38
CA ALA A 213 7.74 4.43 28.28
C ALA A 213 6.58 5.18 27.64
N GLY A 214 5.47 4.45 27.40
CA GLY A 214 4.32 4.93 26.63
C GLY A 214 3.86 6.35 27.00
N ASP A 215 4.37 7.35 26.29
CA ASP A 215 3.93 8.74 26.43
C ASP A 215 3.69 9.35 25.05
N GLN A 216 4.08 10.60 24.82
CA GLN A 216 3.90 11.22 23.51
C GLN A 216 4.92 10.65 22.53
N ARG A 217 4.50 10.29 21.33
CA ARG A 217 5.46 9.68 20.40
C ARG A 217 6.49 10.72 19.95
N ALA A 218 7.66 10.21 19.55
CA ALA A 218 8.77 11.05 19.17
C ALA A 218 8.47 11.79 17.87
N PRO A 219 9.23 12.84 17.57
CA PRO A 219 8.94 13.60 16.35
C PRO A 219 9.01 12.79 15.05
N ASP A 220 9.92 11.84 14.98
CA ASP A 220 10.13 11.01 13.81
C ASP A 220 9.48 9.64 13.95
N ALA A 221 8.56 9.50 14.90
CA ALA A 221 7.94 8.20 15.11
C ALA A 221 6.88 7.96 14.05
N TRP A 222 6.79 6.72 13.61
CA TRP A 222 5.81 6.37 12.62
C TRP A 222 4.39 6.51 13.14
N GLY A 223 3.48 6.63 12.19
CA GLY A 223 2.08 6.68 12.47
C GLY A 223 1.37 5.57 11.73
N ALA A 224 0.08 5.75 11.48
CA ALA A 224 -0.72 4.67 10.94
C ALA A 224 -0.22 4.20 9.59
N ILE A 225 0.17 5.13 8.70
CA ILE A 225 0.56 4.69 7.36
C ILE A 225 1.80 3.80 7.45
N GLY A 226 2.76 4.19 8.28
CA GLY A 226 3.92 3.35 8.46
C GLY A 226 3.58 2.00 9.05
N VAL A 227 2.69 1.97 10.04
CA VAL A 227 2.30 0.71 10.66
C VAL A 227 1.55 -0.18 9.66
N TRP A 228 0.60 0.39 8.92
CA TRP A 228 -0.14 -0.37 7.91
C TRP A 228 0.82 -0.93 6.86
N ALA A 229 1.80 -0.13 6.45
CA ALA A 229 2.79 -0.58 5.48
C ALA A 229 3.61 -1.74 6.06
N TRP A 230 4.05 -1.65 7.30
CA TRP A 230 4.78 -2.73 7.94
C TRP A 230 3.94 -4.01 7.98
N GLY A 231 2.65 -3.88 8.26
CA GLY A 231 1.80 -5.06 8.25
C GLY A 231 1.76 -5.75 6.91
N LEU A 232 1.82 -4.97 5.83
CA LEU A 232 1.87 -5.57 4.51
C LEU A 232 3.13 -6.39 4.32
N SER A 233 4.26 -5.88 4.79
CA SER A 233 5.51 -6.65 4.72
C SER A 233 5.45 -7.90 5.61
N ARG A 234 4.77 -7.84 6.76
CA ARG A 234 4.61 -9.05 7.57
C ARG A 234 3.72 -10.07 6.89
N ALA A 235 2.71 -9.62 6.17
CA ALA A 235 1.91 -10.54 5.38
C ALA A 235 2.76 -11.21 4.31
N LEU A 236 3.63 -10.45 3.66
CA LEU A 236 4.57 -11.05 2.72
C LEU A 236 5.45 -12.10 3.41
N ASP A 237 5.92 -11.83 4.64
CA ASP A 237 6.69 -12.84 5.37
C ASP A 237 5.90 -14.14 5.48
N TYR A 238 4.60 -14.04 5.78
CA TYR A 238 3.79 -15.24 5.86
C TYR A 238 3.68 -15.92 4.50
N LEU A 239 3.42 -15.15 3.45
CA LEU A 239 3.26 -15.73 2.12
C LEU A 239 4.50 -16.50 1.69
N GLU A 240 5.69 -16.08 2.15
CA GLU A 240 6.89 -16.82 1.80
C GLU A 240 6.90 -18.24 2.36
N THR A 241 6.12 -18.52 3.40
CA THR A 241 6.02 -19.86 3.98
C THR A 241 4.86 -20.68 3.45
N ASP A 242 3.94 -20.10 2.69
CA ASP A 242 2.73 -20.80 2.28
C ASP A 242 2.99 -21.53 0.96
N PRO A 243 2.89 -22.86 0.94
CA PRO A 243 3.26 -23.61 -0.27
C PRO A 243 2.34 -23.39 -1.45
N LEU A 244 1.18 -22.75 -1.26
CA LEU A 244 0.24 -22.57 -2.35
C LEU A 244 0.56 -21.36 -3.21
N VAL A 245 1.44 -20.48 -2.76
CA VAL A 245 1.64 -19.20 -3.44
C VAL A 245 3.11 -19.00 -3.79
N ASP A 246 3.33 -18.11 -4.75
CA ASP A 246 4.65 -17.68 -5.17
C ASP A 246 4.87 -16.30 -4.57
N ALA A 247 5.61 -16.26 -3.48
CA ALA A 247 5.87 -15.01 -2.79
C ALA A 247 6.85 -14.11 -3.51
N SER A 248 7.48 -14.56 -4.60
CA SER A 248 8.22 -13.66 -5.46
C SER A 248 7.34 -12.92 -6.46
N ARG A 249 6.03 -13.20 -6.49
CA ARG A 249 5.11 -12.55 -7.43
C ARG A 249 3.91 -12.02 -6.66
N VAL A 250 4.18 -11.10 -5.74
CA VAL A 250 3.16 -10.44 -4.97
C VAL A 250 3.02 -9.00 -5.43
N ALA A 251 1.81 -8.67 -5.86
CA ALA A 251 1.40 -7.31 -6.18
C ALA A 251 0.73 -6.73 -4.94
N VAL A 252 1.35 -5.70 -4.38
CA VAL A 252 0.79 -4.99 -3.24
C VAL A 252 -0.01 -3.82 -3.77
N HIS A 253 -1.24 -3.69 -3.28
CA HIS A 253 -2.15 -2.68 -3.80
C HIS A 253 -2.87 -2.05 -2.62
N GLY A 254 -3.40 -0.86 -2.85
CA GLY A 254 -4.31 -0.28 -1.88
C GLY A 254 -5.13 0.81 -2.50
N HIS A 255 -6.24 1.12 -1.86
CA HIS A 255 -7.12 2.23 -2.23
C HIS A 255 -6.98 3.36 -1.23
N ALA A 256 -6.75 4.56 -1.74
CA ALA A 256 -6.87 5.78 -0.94
C ALA A 256 -5.86 5.68 0.21
N ARG A 257 -6.27 5.91 1.45
CA ARG A 257 -5.33 5.84 2.56
C ARG A 257 -4.58 4.51 2.62
N LEU A 258 -5.22 3.42 2.21
CA LEU A 258 -4.53 2.14 2.16
C LEU A 258 -3.63 2.00 0.94
N GLY A 259 -3.84 2.83 -0.07
CA GLY A 259 -2.88 2.97 -1.16
C GLY A 259 -1.69 3.80 -0.76
N LYS A 260 -1.85 4.75 0.15
CA LYS A 260 -0.69 5.45 0.69
C LYS A 260 0.21 4.44 1.39
N ALA A 261 -0.41 3.53 2.12
CA ALA A 261 0.33 2.49 2.79
C ALA A 261 0.95 1.51 1.81
N ALA A 262 0.21 1.10 0.78
CA ALA A 262 0.79 0.19 -0.21
C ALA A 262 2.01 0.80 -0.88
N LEU A 263 1.99 2.10 -1.19
CA LEU A 263 3.15 2.71 -1.80
C LEU A 263 4.35 2.71 -0.85
N TRP A 264 4.15 3.12 0.39
CA TRP A 264 5.25 3.14 1.35
C TRP A 264 5.76 1.72 1.62
N ALA A 265 4.88 0.72 1.61
CA ALA A 265 5.34 -0.66 1.77
C ALA A 265 6.19 -1.09 0.58
N GLY A 266 5.70 -0.80 -0.63
CA GLY A 266 6.40 -1.21 -1.82
C GLY A 266 7.69 -0.48 -2.02
N ALA A 267 7.78 0.78 -1.55
CA ALA A 267 9.02 1.54 -1.66
C ALA A 267 10.04 0.99 -0.69
N GLN A 268 9.62 0.67 0.54
CA GLN A 268 10.57 0.20 1.53
C GLN A 268 11.00 -1.24 1.31
N ASP A 269 10.10 -2.10 0.83
CA ASP A 269 10.35 -3.54 0.78
C ASP A 269 10.41 -3.95 -0.68
N ASP A 270 11.62 -4.09 -1.20
CA ASP A 270 11.75 -4.39 -2.61
C ASP A 270 11.49 -5.85 -2.92
N ARG A 271 11.05 -6.67 -1.96
CA ARG A 271 10.54 -8.00 -2.30
C ARG A 271 9.21 -7.93 -3.03
N PHE A 272 8.41 -6.91 -2.79
CA PHE A 272 7.14 -6.82 -3.50
C PHE A 272 7.41 -6.65 -5.00
N ALA A 273 6.75 -7.48 -5.80
CA ALA A 273 7.08 -7.55 -7.22
C ALA A 273 6.42 -6.44 -8.04
N LEU A 274 5.33 -5.88 -7.56
CA LEU A 274 4.57 -4.89 -8.29
C LEU A 274 3.76 -4.11 -7.26
N VAL A 275 3.57 -2.84 -7.53
CA VAL A 275 2.88 -1.95 -6.61
C VAL A 275 1.78 -1.22 -7.37
N ILE A 276 0.61 -1.11 -6.73
CA ILE A 276 -0.58 -0.46 -7.28
C ILE A 276 -1.12 0.54 -6.27
N SER A 277 -1.14 1.83 -6.66
CA SER A 277 -1.77 2.92 -5.91
C SER A 277 -3.08 3.29 -6.59
N ASN A 278 -4.21 2.98 -5.98
CA ASN A 278 -5.52 3.35 -6.51
C ASN A 278 -5.96 4.60 -5.74
N GLU A 279 -5.82 5.76 -6.38
CA GLU A 279 -6.37 7.02 -5.86
C GLU A 279 -5.85 7.36 -4.48
N SER A 280 -4.52 7.31 -4.30
CA SER A 280 -3.96 7.48 -2.98
C SER A 280 -3.82 8.91 -2.58
N GLY A 281 -3.75 9.84 -3.53
CA GLY A 281 -3.91 11.24 -3.18
C GLY A 281 -2.78 11.78 -2.34
N CYS A 282 -3.15 12.66 -1.43
CA CYS A 282 -2.17 13.42 -0.67
C CYS A 282 -1.33 12.52 0.22
N GLY A 283 -0.02 12.66 0.14
CA GLY A 283 0.85 11.81 0.90
C GLY A 283 0.87 10.40 0.38
N GLY A 284 0.32 10.17 -0.80
CA GLY A 284 0.47 8.94 -1.55
C GLY A 284 1.13 9.27 -2.87
N ALA A 285 0.37 9.24 -3.96
CA ALA A 285 0.93 9.51 -5.26
C ALA A 285 0.91 10.98 -5.65
N ALA A 286 0.04 11.79 -5.05
CA ALA A 286 -0.11 13.16 -5.52
C ALA A 286 1.03 14.04 -5.04
N LEU A 287 1.50 14.95 -5.88
CA LEU A 287 2.53 15.90 -5.45
C LEU A 287 1.99 16.81 -4.35
N SER A 288 2.73 16.90 -3.22
CA SER A 288 2.33 17.83 -2.16
C SER A 288 2.56 19.28 -2.53
N LYS A 289 3.62 19.54 -3.31
CA LYS A 289 3.97 20.90 -3.68
C LYS A 289 2.96 21.54 -4.62
N ARG A 290 1.96 20.79 -5.10
N ARG A 290 2.31 20.74 -5.45
CA ARG A 290 0.94 21.37 -5.96
CA ARG A 290 1.11 21.16 -6.12
C ARG A 290 -0.21 22.04 -5.22
C ARG A 290 0.07 21.38 -5.04
N ILE A 291 -0.44 21.74 -3.94
N ILE A 291 -0.32 22.64 -4.83
CA ILE A 291 -1.38 22.53 -3.17
CA ILE A 291 -1.33 22.94 -3.82
C ILE A 291 -2.79 22.42 -3.74
C ILE A 291 -2.68 22.73 -4.44
N HIS A 292 -3.06 21.47 -4.61
CA HIS A 292 -4.44 21.15 -4.99
C HIS A 292 -5.20 20.08 -4.20
N GLY A 293 -6.51 20.33 -3.98
CA GLY A 293 -7.35 19.36 -3.26
C GLY A 293 -6.87 19.27 -1.85
N GLU A 294 -6.70 18.05 -1.35
CA GLU A 294 -6.20 17.89 0.00
C GLU A 294 -4.76 18.39 0.07
N THR A 295 -4.44 19.09 1.15
CA THR A 295 -3.10 19.60 1.37
C THR A 295 -2.49 19.00 2.63
N VAL A 296 -1.20 19.26 2.83
CA VAL A 296 -0.49 18.75 4.01
C VAL A 296 -1.18 19.20 5.30
N ALA A 297 -1.56 20.47 5.39
CA ALA A 297 -2.22 20.92 6.60
C ALA A 297 -3.56 20.23 6.81
N ARG A 298 -4.32 20.03 5.73
CA ARG A 298 -5.62 19.40 5.86
C ARG A 298 -5.49 17.94 6.28
N ILE A 299 -4.56 17.20 5.69
CA ILE A 299 -4.42 15.79 6.00
C ILE A 299 -3.94 15.62 7.44
N ASN A 300 -2.99 16.44 7.88
CA ASN A 300 -2.45 16.29 9.24
C ASN A 300 -3.45 16.73 10.30
N THR A 301 -4.29 17.73 9.98
CA THR A 301 -5.26 18.23 10.95
C THR A 301 -6.38 17.22 11.14
N VAL A 302 -6.87 16.63 10.06
CA VAL A 302 -7.97 15.70 10.18
C VAL A 302 -7.50 14.32 10.63
N PHE A 303 -6.31 13.92 10.20
CA PHE A 303 -5.74 12.60 10.52
C PHE A 303 -4.36 12.75 11.13
N PRO A 304 -4.31 13.24 12.37
CA PRO A 304 -3.02 13.53 13.00
C PRO A 304 -2.21 12.28 13.31
N HIS A 305 -2.83 11.11 13.29
CA HIS A 305 -2.12 9.87 13.53
C HIS A 305 -1.54 9.24 12.27
N TRP A 306 -1.83 9.77 11.09
CA TRP A 306 -1.42 9.08 9.87
C TRP A 306 0.08 9.17 9.60
N PHE A 307 0.66 10.35 9.72
CA PHE A 307 2.04 10.61 9.37
C PHE A 307 2.85 10.79 10.66
N ALA A 308 4.14 11.01 10.49
CA ALA A 308 4.99 11.42 11.60
C ALA A 308 4.61 12.83 12.05
N ARG A 309 4.87 13.13 13.32
CA ARG A 309 4.70 14.53 13.77
C ARG A 309 5.59 15.47 12.97
N ASN A 310 6.75 14.99 12.53
CA ASN A 310 7.64 15.83 11.75
C ASN A 310 6.99 16.35 10.46
N PHE A 311 6.01 15.63 9.89
CA PHE A 311 5.34 16.05 8.65
C PHE A 311 4.55 17.33 8.84
N ARG A 312 4.15 17.62 10.09
CA ARG A 312 3.41 18.84 10.39
C ARG A 312 4.25 20.09 10.20
N ARG A 313 5.58 19.98 10.17
CA ARG A 313 6.43 21.11 9.84
C ARG A 313 6.03 21.74 8.50
N TYR A 314 5.48 20.95 7.58
CA TYR A 314 5.17 21.37 6.23
C TYR A 314 3.71 21.78 6.06
N ASP A 315 2.95 21.83 7.14
CA ASP A 315 1.59 22.36 7.06
C ASP A 315 1.67 23.80 6.55
N ASP A 316 0.99 24.09 5.44
CA ASP A 316 1.02 25.41 4.81
C ASP A 316 2.43 25.86 4.43
N HIS A 317 3.36 24.92 4.29
CA HIS A 317 4.76 25.21 3.99
C HIS A 317 5.32 24.11 3.11
N GLU A 318 4.55 23.69 2.11
CA GLU A 318 4.98 22.59 1.25
C GLU A 318 6.23 22.96 0.48
N GLU A 319 6.48 24.25 0.29
CA GLU A 319 7.69 24.66 -0.41
C GLU A 319 8.95 24.19 0.30
N ALA A 320 8.88 23.96 1.61
CA ALA A 320 10.05 23.56 2.39
C ALA A 320 10.28 22.06 2.38
N LEU A 321 9.34 21.27 1.84
CA LEU A 321 9.53 19.83 1.77
C LEU A 321 10.81 19.53 1.00
N PRO A 322 11.70 18.67 1.53
CA PRO A 322 12.93 18.32 0.78
C PRO A 322 12.73 17.23 -0.24
N VAL A 323 11.57 16.58 -0.22
CA VAL A 323 11.17 15.58 -1.19
C VAL A 323 9.77 15.90 -1.67
N ASP A 324 9.35 15.23 -2.76
CA ASP A 324 7.93 15.15 -3.04
C ASP A 324 7.62 13.73 -3.46
N GLN A 325 6.32 13.49 -3.70
CA GLN A 325 5.84 12.13 -3.82
C GLN A 325 6.32 11.45 -5.10
N HIS A 326 6.78 12.21 -6.10
CA HIS A 326 7.41 11.58 -7.26
C HIS A 326 8.61 10.75 -6.84
N GLU A 327 9.29 11.18 -5.76
CA GLU A 327 10.45 10.42 -5.30
C GLU A 327 10.02 9.16 -4.57
N LEU A 328 8.83 9.14 -3.97
CA LEU A 328 8.31 7.89 -3.40
C LEU A 328 8.02 6.90 -4.51
N LEU A 329 7.37 7.37 -5.56
CA LEU A 329 7.14 6.52 -6.72
C LEU A 329 8.45 6.01 -7.27
N ALA A 330 9.47 6.88 -7.32
CA ALA A 330 10.74 6.47 -7.90
C ALA A 330 11.38 5.34 -7.10
N LEU A 331 11.08 5.26 -5.80
CA LEU A 331 11.62 4.20 -4.95
C LEU A 331 11.09 2.83 -5.29
N VAL A 332 10.06 2.73 -6.13
CA VAL A 332 9.61 1.41 -6.59
C VAL A 332 10.48 0.90 -7.75
N ALA A 333 11.11 1.81 -8.51
CA ALA A 333 11.88 1.41 -9.68
C ALA A 333 12.97 0.42 -9.27
N PRO A 334 13.25 -0.60 -10.08
CA PRO A 334 12.71 -0.88 -11.43
C PRO A 334 11.44 -1.71 -11.46
N ARG A 335 10.83 -1.99 -10.30
CA ARG A 335 9.67 -2.86 -10.27
C ARG A 335 8.46 -2.13 -10.82
N PRO A 336 7.52 -2.86 -11.41
CA PRO A 336 6.35 -2.20 -11.99
C PRO A 336 5.51 -1.49 -10.94
N LEU A 337 5.00 -0.34 -11.34
CA LEU A 337 4.22 0.56 -10.52
C LEU A 337 3.05 1.10 -11.34
N TYR A 338 1.86 1.00 -10.77
CA TYR A 338 0.64 1.49 -11.41
C TYR A 338 0.03 2.51 -10.48
N VAL A 339 -0.11 3.74 -10.96
CA VAL A 339 -0.80 4.82 -10.25
C VAL A 339 -2.08 5.09 -11.04
N ALA A 340 -3.22 5.19 -10.36
CA ALA A 340 -4.49 5.45 -11.05
C ALA A 340 -5.33 6.44 -10.26
N SER A 341 -6.19 7.16 -11.00
CA SER A 341 -7.00 8.24 -10.47
C SER A 341 -8.44 8.06 -10.94
N ALA A 342 -9.34 8.83 -10.33
CA ALA A 342 -10.72 8.97 -10.76
C ALA A 342 -11.00 10.41 -11.18
N GLU A 343 -11.75 10.56 -12.25
CA GLU A 343 -11.87 11.84 -12.92
C GLU A 343 -12.49 12.90 -12.02
N ASP A 344 -13.45 12.52 -11.17
CA ASP A 344 -14.17 13.47 -10.31
C ASP A 344 -13.50 13.64 -8.95
N ASP A 345 -12.39 12.96 -8.70
CA ASP A 345 -11.75 12.89 -7.37
C ASP A 345 -10.76 14.02 -7.18
N ASP A 346 -11.29 15.24 -7.21
CA ASP A 346 -10.45 16.42 -7.12
C ASP A 346 -9.62 16.42 -5.84
N TRP A 347 -10.18 15.89 -4.75
CA TRP A 347 -9.47 15.92 -3.47
C TRP A 347 -8.14 15.18 -3.55
N ALA A 348 -8.10 14.10 -4.32
CA ALA A 348 -6.86 13.33 -4.48
C ALA A 348 -5.88 13.99 -5.44
N ASP A 349 -6.34 14.95 -6.23
CA ASP A 349 -5.57 15.70 -7.21
C ASP A 349 -5.07 14.76 -8.32
N PRO A 350 -5.99 14.28 -9.16
CA PRO A 350 -5.57 13.41 -10.27
C PRO A 350 -4.43 13.95 -11.12
N ARG A 351 -4.43 15.24 -11.46
N ARG A 351 -4.45 15.24 -11.46
CA ARG A 351 -3.32 15.74 -12.24
CA ARG A 351 -3.35 15.79 -12.22
C ARG A 351 -2.02 15.71 -11.45
C ARG A 351 -2.05 15.67 -11.45
N GLY A 352 -2.09 15.99 -10.15
CA GLY A 352 -0.92 15.84 -9.29
C GLY A 352 -0.40 14.42 -9.21
N GLU A 353 -1.29 13.42 -9.24
CA GLU A 353 -0.89 12.01 -9.27
C GLU A 353 -0.21 11.68 -10.58
N PHE A 354 -0.76 12.19 -11.69
CA PHE A 354 -0.14 11.98 -12.99
C PHE A 354 1.20 12.68 -13.10
N LEU A 355 1.28 13.93 -12.65
CA LEU A 355 2.54 14.66 -12.73
C LEU A 355 3.61 14.05 -11.83
N ALA A 356 3.21 13.37 -10.76
CA ALA A 356 4.18 12.65 -9.95
C ALA A 356 4.75 11.46 -10.70
N VAL A 357 3.89 10.75 -11.41
CA VAL A 357 4.34 9.70 -12.30
C VAL A 357 5.33 10.25 -13.31
N LYS A 358 5.00 11.37 -13.95
CA LYS A 358 5.90 11.89 -14.97
C LYS A 358 7.24 12.32 -14.38
N ALA A 359 7.23 12.84 -13.17
CA ALA A 359 8.49 13.26 -12.55
C ALA A 359 9.30 12.10 -11.99
N ALA A 360 8.67 10.97 -11.74
CA ALA A 360 9.39 9.77 -11.37
C ALA A 360 9.92 9.02 -12.59
N GLU A 361 9.31 9.22 -13.74
CA GLU A 361 9.66 8.47 -14.94
C GLU A 361 11.15 8.47 -15.26
N PRO A 362 11.91 9.55 -15.11
CA PRO A 362 13.34 9.47 -15.42
C PRO A 362 14.06 8.38 -14.64
N VAL A 363 13.60 8.04 -13.45
CA VAL A 363 14.26 6.96 -12.71
C VAL A 363 13.89 5.61 -13.31
N PHE A 364 12.62 5.45 -13.66
CA PHE A 364 12.21 4.25 -14.37
C PHE A 364 12.97 4.10 -15.67
N ARG A 365 13.22 5.22 -16.38
CA ARG A 365 13.97 5.16 -17.63
C ARG A 365 15.43 4.80 -17.40
N LEU A 366 16.03 5.28 -16.32
CA LEU A 366 17.37 4.84 -15.98
C LEU A 366 17.45 3.32 -15.93
N PHE A 367 16.38 2.67 -15.48
CA PHE A 367 16.28 1.22 -15.39
C PHE A 367 15.68 0.60 -16.64
N GLY A 368 15.65 1.32 -17.75
CA GLY A 368 15.19 0.74 -19.00
C GLY A 368 13.71 0.51 -19.12
N GLN A 369 12.90 1.10 -18.24
CA GLN A 369 11.45 1.02 -18.34
C GLN A 369 10.90 2.30 -18.95
N THR A 370 9.62 2.26 -19.28
N THR A 370 9.62 2.25 -19.29
CA THR A 370 8.98 3.41 -19.89
CA THR A 370 8.94 3.36 -19.93
C THR A 370 7.70 3.74 -19.12
C THR A 370 7.70 3.73 -19.13
N GLY A 371 7.39 5.02 -19.09
CA GLY A 371 6.20 5.52 -18.44
C GLY A 371 5.18 6.04 -19.43
N PRO A 372 4.17 6.74 -18.92
CA PRO A 372 3.10 7.23 -19.80
C PRO A 372 3.67 8.07 -20.94
N SER A 373 3.14 7.81 -22.14
CA SER A 373 3.39 8.70 -23.26
C SER A 373 2.59 9.97 -23.05
N GLY A 374 3.17 11.09 -23.44
CA GLY A 374 2.42 12.32 -23.26
C GLY A 374 2.77 13.01 -21.96
N GLU A 375 2.60 14.33 -21.97
CA GLU A 375 2.90 15.16 -20.81
C GLU A 375 1.65 15.78 -20.20
N ASP A 376 0.46 15.38 -20.67
CA ASP A 376 -0.79 15.69 -20.00
C ASP A 376 -1.55 14.41 -19.69
N VAL A 377 -2.52 14.55 -18.80
CA VAL A 377 -3.31 13.42 -18.30
C VAL A 377 -3.96 12.73 -19.48
N PRO A 378 -3.88 11.40 -19.58
CA PRO A 378 -4.51 10.71 -20.71
C PRO A 378 -6.03 10.82 -20.62
N ARG A 379 -6.69 10.49 -21.73
N ARG A 379 -6.68 10.49 -21.73
CA ARG A 379 -8.14 10.44 -21.74
CA ARG A 379 -8.13 10.44 -21.74
C ARG A 379 -8.62 9.27 -20.87
C ARG A 379 -8.61 9.28 -20.86
N VAL A 380 -9.89 9.34 -20.48
CA VAL A 380 -10.40 8.41 -19.49
C VAL A 380 -10.40 7.00 -20.06
N ASN A 381 -10.13 6.03 -19.19
CA ASN A 381 -10.17 4.61 -19.55
C ASN A 381 -9.18 4.25 -20.66
N GLU A 382 -8.07 4.98 -20.76
CA GLU A 382 -7.00 4.69 -21.72
C GLU A 382 -5.70 4.67 -20.93
N PRO A 383 -5.34 3.52 -20.35
CA PRO A 383 -4.09 3.46 -19.59
C PRO A 383 -2.91 3.78 -20.48
N SER A 384 -1.85 4.32 -19.88
CA SER A 384 -0.66 4.68 -20.62
C SER A 384 0.58 4.34 -19.80
N GLY A 385 1.57 3.74 -20.45
CA GLY A 385 2.84 3.47 -19.83
C GLY A 385 3.23 2.01 -19.95
N GLY A 386 4.51 1.72 -19.75
CA GLY A 386 5.01 0.36 -19.70
C GLY A 386 4.90 -0.21 -18.30
N ALA A 387 6.06 -0.47 -17.69
CA ALA A 387 6.12 -0.89 -16.30
C ALA A 387 5.72 0.22 -15.33
N LEU A 388 5.83 1.46 -15.74
CA LEU A 388 5.30 2.59 -15.00
C LEU A 388 4.04 3.03 -15.72
N ARG A 389 2.87 2.80 -15.12
CA ARG A 389 1.60 2.93 -15.81
C ARG A 389 0.62 3.79 -15.03
N TYR A 390 -0.27 4.47 -15.76
CA TYR A 390 -1.26 5.38 -15.19
C TYR A 390 -2.57 5.25 -15.95
N HIS A 391 -3.68 5.28 -15.23
CA HIS A 391 -4.95 5.55 -15.90
C HIS A 391 -5.79 6.44 -15.02
N ILE A 392 -6.79 7.05 -15.64
CA ILE A 392 -7.82 7.81 -14.95
C ILE A 392 -9.15 7.31 -15.51
N ARG A 393 -10.07 6.93 -14.62
CA ARG A 393 -11.38 6.47 -15.03
C ARG A 393 -12.44 7.50 -14.72
N PRO A 394 -13.59 7.45 -15.40
CA PRO A 394 -14.70 8.33 -15.05
C PRO A 394 -15.19 8.01 -13.64
N GLY A 395 -15.82 9.00 -13.05
CA GLY A 395 -16.57 8.82 -11.82
C GLY A 395 -15.88 9.30 -10.57
N PRO A 396 -16.53 9.05 -9.43
CA PRO A 396 -16.00 9.51 -8.14
C PRO A 396 -14.97 8.57 -7.54
N HIS A 397 -14.36 9.04 -6.46
CA HIS A 397 -13.39 8.29 -5.69
C HIS A 397 -13.94 6.92 -5.32
N GLY A 398 -13.13 5.91 -5.56
CA GLY A 398 -13.48 4.55 -5.21
C GLY A 398 -12.52 3.62 -5.91
N MET A 399 -12.83 2.35 -5.81
CA MET A 399 -12.06 1.34 -6.51
C MET A 399 -13.03 0.38 -7.14
N THR A 400 -13.04 0.34 -8.46
CA THR A 400 -14.12 -0.26 -9.21
C THR A 400 -13.65 -1.43 -10.04
N ALA A 401 -14.62 -2.14 -10.62
CA ALA A 401 -14.31 -3.24 -11.52
C ALA A 401 -13.47 -2.77 -12.69
N GLN A 402 -13.68 -1.53 -13.14
CA GLN A 402 -12.89 -1.01 -14.26
C GLN A 402 -11.42 -0.84 -13.87
N ASP A 403 -11.16 -0.29 -12.68
CA ASP A 403 -9.80 -0.21 -12.16
C ASP A 403 -9.14 -1.60 -12.13
N TRP A 404 -9.85 -2.59 -11.57
CA TRP A 404 -9.30 -3.94 -11.47
C TRP A 404 -9.07 -4.60 -12.83
N ALA A 405 -9.96 -4.42 -13.81
CA ALA A 405 -9.69 -4.91 -15.16
C ALA A 405 -8.32 -4.42 -15.65
N PHE A 406 -8.04 -3.14 -15.44
CA PHE A 406 -6.75 -2.62 -15.89
C PHE A 406 -5.62 -3.19 -15.05
N TYR A 407 -5.82 -3.35 -13.74
CA TYR A 407 -4.74 -3.89 -12.92
C TYR A 407 -4.42 -5.34 -13.28
N LEU A 408 -5.44 -6.11 -13.65
CA LEU A 408 -5.22 -7.51 -14.00
C LEU A 408 -4.47 -7.61 -15.31
N ALA A 409 -4.78 -6.76 -16.28
CA ALA A 409 -3.98 -6.73 -17.49
C ALA A 409 -2.52 -6.38 -17.20
N PHE A 410 -2.28 -5.41 -16.31
CA PHE A 410 -0.92 -5.02 -15.98
C PHE A 410 -0.18 -6.17 -15.33
N ALA A 411 -0.85 -6.87 -14.42
CA ALA A 411 -0.22 -7.98 -13.73
C ALA A 411 0.07 -9.11 -14.70
N ASP A 412 -0.82 -9.33 -15.66
CA ASP A 412 -0.54 -10.40 -16.62
C ASP A 412 0.76 -10.13 -17.36
N GLU A 413 1.02 -8.87 -17.70
CA GLU A 413 2.22 -8.50 -18.42
C GLU A 413 3.45 -8.53 -17.52
N TRP A 414 3.31 -8.13 -16.25
CA TRP A 414 4.46 -7.85 -15.40
C TRP A 414 4.59 -8.81 -14.22
N LEU A 415 3.76 -9.85 -14.14
CA LEU A 415 3.90 -10.87 -13.08
C LEU A 415 3.90 -12.29 -13.66
N LYS A 416 4.63 -12.51 -14.74
CA LYS A 416 4.69 -13.85 -15.30
C LYS A 416 5.63 -14.68 -14.44
N SER A 417 5.31 -15.95 -14.30
CA SER A 417 6.15 -16.84 -13.50
C SER A 417 7.56 -16.82 -14.07
N ALA A 418 8.54 -16.73 -13.18
CA ALA A 418 9.92 -16.63 -13.63
C ALA A 418 10.39 -17.98 -14.17
N LEU A 419 11.09 -17.95 -15.28
CA LEU A 419 11.73 -19.12 -15.86
C LEU A 419 13.24 -18.92 -15.80
N PRO A 420 14.02 -19.98 -15.93
CA PRO A 420 15.47 -19.82 -15.87
C PRO A 420 15.95 -18.81 -16.91
N ALA A 421 16.87 -17.95 -16.49
CA ALA A 421 17.41 -16.91 -17.37
C ALA A 421 18.69 -17.41 -18.02
#